data_6W3P
#
_entry.id   6W3P
#
_cell.length_a   42.110
_cell.length_b   138.110
_cell.length_c   48.790
_cell.angle_alpha   90.000
_cell.angle_beta   94.720
_cell.angle_gamma   90.000
#
_symmetry.space_group_name_H-M   'P 1 21 1'
#
loop_
_entity.id
_entity.type
_entity.pdbx_description
1 polymer 'Methyl-accepting chemotaxis protein'
2 non-polymer beta-methylnorleucine
3 non-polymer 'SULFATE ION'
4 non-polymer 'CHLORIDE ION'
5 non-polymer GLYCEROL
6 non-polymer 'SODIUM ION'
7 water water
#
_entity_poly.entity_id   1
_entity_poly.type   'polypeptide(L)'
_entity_poly.pdbx_seq_one_letter_code
;GIDPFTKTSLYESTLKNQTDLLKVTQSTVEDFRSTNQSFTRALEKDIANLPYQSLITEENIINNVGPILKYYRHSINALN
VYLGLNNGKVLLSQKSNDAKMPELRDDLDIKTKDWYQEALKTNDIFVTPAYLDTVLKQYVITYSKAIYKDGKIIGVLGVD
IPSEDLQNLVAKTPGNTFLFDQKNKIFAATNKELLNPSIDHSPVLNAYKLNGDNNFFSYKLNNEERLGACTKVFAYTACI
TESADIINKPIYKA
;
_entity_poly.pdbx_strand_id   A,B
#
loop_
_chem_comp.id
_chem_comp.type
_chem_comp.name
_chem_comp.formula
CL non-polymer 'CHLORIDE ION' 'Cl -1'
GOL non-polymer GLYCEROL 'C3 H8 O3'
NA non-polymer 'SODIUM ION' 'Na 1'
SO4 non-polymer 'SULFATE ION' 'O4 S -2'
#
# COMPACT_ATOMS: atom_id res chain seq x y z
N ASP A 3 -30.82 31.86 0.54
CA ASP A 3 -31.48 31.68 1.88
C ASP A 3 -30.44 31.02 2.79
N PRO A 4 -30.17 31.66 3.95
CA PRO A 4 -29.13 31.08 4.80
C PRO A 4 -29.24 29.57 4.96
N PHE A 5 -30.46 29.02 5.01
CA PHE A 5 -30.65 27.59 5.20
C PHE A 5 -29.97 26.83 4.08
N THR A 6 -30.13 27.30 2.86
CA THR A 6 -29.53 26.64 1.73
C THR A 6 -28.02 26.75 1.74
N LYS A 7 -27.50 27.93 2.01
CA LYS A 7 -26.06 28.13 2.02
C LYS A 7 -25.42 27.30 3.13
N THR A 8 -26.06 27.26 4.30
CA THR A 8 -25.57 26.41 5.39
C THR A 8 -25.54 24.94 4.99
N SER A 9 -26.56 24.45 4.30
CA SER A 9 -26.59 23.09 3.82
C SER A 9 -25.43 22.78 2.89
N LEU A 10 -25.14 23.68 1.97
CA LEU A 10 -24.08 23.48 1.00
C LEU A 10 -22.72 23.55 1.67
N TYR A 11 -22.57 24.45 2.63
CA TYR A 11 -21.33 24.60 3.36
C TYR A 11 -21.07 23.35 4.21
N GLU A 12 -22.07 22.85 4.91
CA GLU A 12 -21.87 21.68 5.76
C GLU A 12 -21.52 20.45 4.92
N SER A 13 -22.15 20.34 3.76
CA SER A 13 -21.90 19.22 2.83
C SER A 13 -20.45 19.28 2.31
N THR A 14 -20.05 20.44 1.80
CA THR A 14 -18.75 20.54 1.16
C THR A 14 -17.63 20.41 2.21
N LEU A 15 -17.87 20.89 3.42
CA LEU A 15 -16.94 20.72 4.50
C LEU A 15 -16.69 19.23 4.75
N LYS A 16 -17.77 18.47 4.93
CA LYS A 16 -17.64 17.07 5.15
C LYS A 16 -16.89 16.38 4.00
N ASN A 17 -17.23 16.71 2.78
CA ASN A 17 -16.65 16.07 1.62
C ASN A 17 -15.12 16.36 1.62
N GLN A 18 -14.77 17.64 1.71
CA GLN A 18 -13.39 18.05 1.57
C GLN A 18 -12.54 17.48 2.71
N THR A 19 -13.13 17.43 3.90
N THR A 19 -13.10 17.35 3.90
CA THR A 19 -12.52 16.78 5.05
CA THR A 19 -12.33 16.78 4.99
C THR A 19 -12.20 15.31 4.75
C THR A 19 -12.26 15.24 4.95
N ASP A 20 -13.20 14.60 4.25
CA ASP A 20 -13.02 13.20 3.86
C ASP A 20 -11.87 13.02 2.86
N LEU A 21 -11.80 13.89 1.85
CA LEU A 21 -10.74 13.78 0.88
C LEU A 21 -9.38 14.12 1.47
N LEU A 22 -9.35 15.07 2.38
CA LEU A 22 -8.10 15.38 3.06
C LEU A 22 -7.63 14.12 3.85
N LYS A 23 -8.56 13.46 4.53
N LYS A 23 -8.56 13.44 4.53
CA LYS A 23 -8.23 12.21 5.19
CA LYS A 23 -8.25 12.16 5.21
C LYS A 23 -7.57 11.19 4.28
C LYS A 23 -7.60 11.14 4.30
N VAL A 24 -8.06 11.06 3.06
CA VAL A 24 -7.49 10.12 2.11
C VAL A 24 -6.02 10.42 1.85
N THR A 25 -5.72 11.71 1.66
CA THR A 25 -4.34 12.13 1.45
C THR A 25 -3.48 11.89 2.69
N GLN A 26 -4.03 12.17 3.88
CA GLN A 26 -3.35 11.83 5.12
C GLN A 26 -3.03 10.32 5.19
N SER A 27 -4.01 9.49 4.92
CA SER A 27 -3.84 8.05 4.93
C SER A 27 -2.73 7.60 3.96
N THR A 28 -2.74 8.18 2.78
CA THR A 28 -1.77 7.84 1.76
C THR A 28 -0.36 8.01 2.34
N VAL A 29 -0.10 9.18 2.94
CA VAL A 29 1.21 9.44 3.52
C VAL A 29 1.54 8.47 4.66
N GLU A 30 0.56 8.22 5.50
CA GLU A 30 0.76 7.31 6.62
C GLU A 30 1.10 5.91 6.14
N ASP A 31 0.35 5.41 5.14
CA ASP A 31 0.49 4.06 4.74
C ASP A 31 1.85 3.85 3.99
N PHE A 32 2.27 4.83 3.22
CA PHE A 32 3.59 4.82 2.58
C PHE A 32 4.65 4.64 3.65
N ARG A 33 4.49 5.37 4.75
N ARG A 33 4.60 5.49 4.67
CA ARG A 33 5.47 5.37 5.82
CA ARG A 33 5.61 5.42 5.71
C ARG A 33 5.45 4.09 6.64
C ARG A 33 5.64 4.04 6.40
N SER A 34 4.26 3.57 6.95
N SER A 34 4.46 3.57 6.81
CA SER A 34 4.17 2.32 7.68
CA SER A 34 4.37 2.40 7.64
C SER A 34 4.76 1.20 6.86
C SER A 34 4.72 1.15 6.87
N THR A 35 4.45 1.13 5.57
CA THR A 35 4.88 0.03 4.78
C THR A 35 6.43 -0.06 4.74
N ASN A 36 7.04 1.10 4.57
CA ASN A 36 8.51 1.16 4.51
C ASN A 36 9.11 0.85 5.88
N GLN A 37 8.48 1.34 6.95
CA GLN A 37 8.97 1.01 8.28
C GLN A 37 8.88 -0.51 8.53
N SER A 38 7.73 -1.12 8.24
N SER A 38 7.75 -1.16 8.22
CA SER A 38 7.57 -2.56 8.47
CA SER A 38 7.61 -2.59 8.52
C SER A 38 8.64 -3.34 7.74
C SER A 38 8.55 -3.44 7.68
N PHE A 39 8.86 -2.96 6.48
CA PHE A 39 9.89 -3.59 5.64
C PHE A 39 11.27 -3.51 6.33
N THR A 40 11.62 -2.31 6.77
CA THR A 40 12.91 -2.07 7.40
C THR A 40 13.05 -2.89 8.69
N ARG A 41 11.98 -2.98 9.46
N ARG A 41 11.97 -2.95 9.46
CA ARG A 41 12.05 -3.74 10.71
CA ARG A 41 11.97 -3.73 10.69
C ARG A 41 12.17 -5.23 10.45
C ARG A 41 12.18 -5.21 10.43
N ALA A 42 11.51 -5.73 9.41
CA ALA A 42 11.66 -7.11 9.07
C ALA A 42 13.12 -7.41 8.66
N LEU A 43 13.70 -6.52 7.86
CA LEU A 43 15.09 -6.65 7.43
C LEU A 43 16.03 -6.65 8.65
N GLU A 44 15.84 -5.66 9.52
CA GLU A 44 16.62 -5.64 10.78
C GLU A 44 16.57 -7.01 11.44
N LYS A 45 15.35 -7.55 11.61
CA LYS A 45 15.18 -8.81 12.35
C LYS A 45 15.98 -9.92 11.67
N ASP A 46 15.88 -10.04 10.34
CA ASP A 46 16.55 -11.13 9.64
C ASP A 46 18.07 -10.97 9.74
N ILE A 47 18.60 -9.74 9.75
CA ILE A 47 20.05 -9.53 9.88
C ILE A 47 20.48 -9.92 11.30
N ALA A 48 19.74 -9.46 12.31
CA ALA A 48 20.15 -9.69 13.68
C ALA A 48 20.01 -11.13 14.09
N ASN A 49 19.18 -11.90 13.40
N ASN A 49 19.15 -11.87 13.39
CA ASN A 49 19.01 -13.33 13.70
CA ASN A 49 18.97 -13.29 13.61
C ASN A 49 20.12 -14.20 13.09
C ASN A 49 20.20 -14.11 13.25
N LEU A 50 21.03 -13.61 12.32
CA LEU A 50 22.20 -14.35 11.89
C LEU A 50 23.07 -14.61 13.14
N PRO A 51 23.80 -15.73 13.17
CA PRO A 51 24.81 -15.90 14.21
C PRO A 51 25.87 -14.82 14.16
N TYR A 52 26.44 -14.51 15.33
CA TYR A 52 27.53 -13.53 15.38
C TYR A 52 28.59 -13.86 14.34
N GLN A 53 28.97 -15.14 14.21
CA GLN A 53 30.05 -15.48 13.32
C GLN A 53 29.82 -14.94 11.92
N SER A 54 28.56 -14.92 11.49
CA SER A 54 28.25 -14.40 10.16
C SER A 54 28.29 -12.86 10.02
N LEU A 55 28.41 -12.16 11.16
CA LEU A 55 28.33 -10.73 11.23
C LEU A 55 29.61 -9.99 11.60
N ILE A 56 30.62 -10.74 12.02
CA ILE A 56 31.79 -10.17 12.65
C ILE A 56 33.04 -10.09 11.80
N THR A 57 32.99 -10.59 10.56
CA THR A 57 34.02 -10.24 9.59
C THR A 57 33.36 -9.59 8.39
N GLU A 58 34.14 -8.78 7.70
CA GLU A 58 33.63 -8.08 6.53
C GLU A 58 33.29 -9.02 5.40
N GLU A 59 34.13 -10.05 5.23
CA GLU A 59 33.82 -11.04 4.20
C GLU A 59 32.55 -11.79 4.51
N ASN A 60 32.34 -12.12 5.80
CA ASN A 60 31.12 -12.79 6.18
C ASN A 60 29.90 -11.91 6.02
N ILE A 61 30.03 -10.61 6.35
CA ILE A 61 28.97 -9.64 6.09
C ILE A 61 28.61 -9.69 4.59
N ILE A 62 29.62 -9.55 3.72
CA ILE A 62 29.39 -9.59 2.26
C ILE A 62 28.53 -10.82 1.95
N ASN A 63 29.01 -12.00 2.37
CA ASN A 63 28.47 -13.27 1.88
C ASN A 63 27.12 -13.63 2.52
N ASN A 64 26.93 -13.20 3.77
CA ASN A 64 25.76 -13.57 4.54
C ASN A 64 24.67 -12.50 4.59
N VAL A 65 25.05 -11.25 4.76
CA VAL A 65 24.10 -10.20 4.78
C VAL A 65 23.78 -9.72 3.35
N GLY A 66 24.76 -9.76 2.44
CA GLY A 66 24.51 -9.24 1.10
C GLY A 66 23.26 -9.83 0.45
N PRO A 67 23.14 -11.17 0.44
CA PRO A 67 21.98 -11.75 -0.21
C PRO A 67 20.66 -11.27 0.37
N ILE A 68 20.62 -11.10 1.69
CA ILE A 68 19.44 -10.61 2.34
C ILE A 68 19.09 -9.20 1.88
N LEU A 69 20.08 -8.33 1.82
CA LEU A 69 19.90 -6.98 1.30
C LEU A 69 19.27 -7.01 -0.10
N LYS A 70 19.85 -7.84 -0.95
CA LYS A 70 19.44 -7.95 -2.33
C LYS A 70 18.00 -8.43 -2.46
N TYR A 71 17.67 -9.55 -1.81
CA TYR A 71 16.32 -10.08 -1.89
C TYR A 71 15.32 -9.04 -1.40
N TYR A 72 15.63 -8.42 -0.26
CA TYR A 72 14.75 -7.39 0.23
C TYR A 72 14.58 -6.23 -0.73
N ARG A 73 15.71 -5.75 -1.25
CA ARG A 73 15.65 -4.69 -2.24
C ARG A 73 14.72 -5.02 -3.39
N HIS A 74 14.90 -6.21 -3.94
CA HIS A 74 14.07 -6.66 -5.05
C HIS A 74 12.59 -6.75 -4.65
N SER A 75 12.33 -7.29 -3.46
CA SER A 75 10.95 -7.51 -3.03
C SER A 75 10.08 -6.24 -3.11
N ILE A 76 10.70 -5.09 -2.83
N ILE A 76 10.67 -5.07 -2.87
CA ILE A 76 10.00 -3.80 -2.73
CA ILE A 76 9.87 -3.83 -2.91
C ILE A 76 10.45 -2.82 -3.82
C ILE A 76 10.34 -2.85 -3.97
N ASN A 77 11.36 -3.26 -4.71
CA ASN A 77 11.97 -2.37 -5.72
C ASN A 77 12.49 -1.07 -5.06
N ALA A 78 13.23 -1.23 -3.96
CA ALA A 78 13.95 -0.08 -3.37
C ALA A 78 15.12 0.31 -4.28
N LEU A 79 15.59 1.54 -4.13
N LEU A 79 15.62 1.51 -4.06
CA LEU A 79 16.74 2.02 -4.91
CA LEU A 79 16.68 2.07 -4.88
C LEU A 79 18.04 1.47 -4.34
C LEU A 79 18.06 1.62 -4.35
N ASN A 80 18.20 1.61 -3.02
CA ASN A 80 19.42 1.16 -2.35
C ASN A 80 18.98 0.52 -1.05
N VAL A 81 19.70 -0.50 -0.64
CA VAL A 81 19.50 -1.14 0.68
C VAL A 81 20.94 -1.48 1.15
N TYR A 82 21.26 -1.07 2.37
CA TYR A 82 22.67 -1.07 2.77
C TYR A 82 22.86 -1.22 4.26
N LEU A 83 24.09 -1.60 4.64
CA LEU A 83 24.44 -1.70 6.03
C LEU A 83 25.79 -0.96 6.20
N GLY A 84 25.74 0.09 7.03
CA GLY A 84 26.94 0.89 7.32
C GLY A 84 27.60 0.44 8.61
N LEU A 85 28.94 0.33 8.58
CA LEU A 85 29.73 -0.17 9.72
C LEU A 85 30.52 0.94 10.39
N ASN A 86 30.93 0.69 11.62
CA ASN A 86 31.67 1.71 12.39
C ASN A 86 33.04 2.02 11.83
N ASN A 87 33.55 1.17 10.94
CA ASN A 87 34.81 1.48 10.26
C ASN A 87 34.64 2.39 9.04
N GLY A 88 33.40 2.79 8.79
CA GLY A 88 33.07 3.68 7.69
C GLY A 88 32.68 3.00 6.39
N LYS A 89 32.82 1.70 6.31
CA LYS A 89 32.44 0.97 5.09
C LYS A 89 30.95 0.70 5.10
N VAL A 90 30.39 0.46 3.92
N VAL A 90 30.39 0.56 3.89
CA VAL A 90 28.98 0.24 3.76
CA VAL A 90 29.02 0.25 3.67
C VAL A 90 28.75 -0.85 2.73
C VAL A 90 28.94 -1.00 2.79
N LEU A 91 28.06 -1.92 3.18
CA LEU A 91 27.67 -2.99 2.27
C LEU A 91 26.44 -2.52 1.53
N LEU A 92 26.58 -2.38 0.21
CA LEU A 92 25.56 -1.69 -0.62
C LEU A 92 24.95 -2.60 -1.66
N SER A 93 23.63 -2.75 -1.61
CA SER A 93 22.86 -3.36 -2.69
C SER A 93 22.10 -2.26 -3.43
N GLN A 94 22.42 -2.09 -4.68
N GLN A 94 22.37 -2.15 -4.72
CA GLN A 94 21.83 -1.00 -5.42
CA GLN A 94 22.08 -0.94 -5.52
C GLN A 94 21.18 -1.49 -6.65
C GLN A 94 21.31 -1.36 -6.78
N LYS A 95 20.13 -0.75 -7.02
CA LYS A 95 19.41 -0.95 -8.28
C LYS A 95 20.30 -0.67 -9.47
N SER A 96 20.35 -1.62 -10.39
CA SER A 96 21.30 -1.61 -11.54
C SER A 96 22.78 -1.34 -11.20
N MET A 101 26.79 -8.80 -7.18
CA MET A 101 26.36 -8.87 -5.78
C MET A 101 26.72 -7.61 -5.00
N PRO A 102 26.10 -7.43 -3.82
CA PRO A 102 26.46 -6.25 -3.02
C PRO A 102 27.93 -6.23 -2.67
N GLU A 103 28.48 -5.02 -2.65
CA GLU A 103 29.91 -4.83 -2.41
C GLU A 103 30.13 -3.82 -1.30
N LEU A 104 31.28 -3.97 -0.64
N LEU A 104 31.34 -3.83 -0.75
CA LEU A 104 31.73 -3.02 0.35
CA LEU A 104 31.66 -3.07 0.46
C LEU A 104 32.25 -1.80 -0.35
C LEU A 104 32.44 -1.82 0.04
N ARG A 105 31.76 -0.66 0.12
CA ARG A 105 32.23 0.62 -0.39
C ARG A 105 32.82 1.39 0.78
N ASP A 106 33.94 2.06 0.53
CA ASP A 106 34.61 2.87 1.55
C ASP A 106 34.57 4.39 1.31
N ASP A 107 33.73 4.85 0.37
CA ASP A 107 33.78 6.23 -0.08
C ASP A 107 32.52 7.07 0.23
N LEU A 108 31.67 6.62 1.13
CA LEU A 108 30.35 7.20 1.26
C LEU A 108 30.20 8.07 2.49
N ASP A 109 31.33 8.35 3.13
CA ASP A 109 31.38 9.34 4.18
C ASP A 109 30.21 9.20 5.13
N ILE A 110 30.04 7.99 5.65
CA ILE A 110 28.77 7.69 6.33
C ILE A 110 28.64 8.38 7.66
N LYS A 111 29.75 8.63 8.35
CA LYS A 111 29.63 9.27 9.65
C LYS A 111 29.26 10.75 9.58
N THR A 112 29.20 11.29 8.36
CA THR A 112 28.75 12.66 8.15
C THR A 112 27.29 12.70 7.72
N LYS A 113 26.67 11.52 7.54
CA LYS A 113 25.31 11.45 7.02
C LYS A 113 24.29 11.37 8.16
N ASP A 114 23.21 12.10 8.02
CA ASP A 114 22.16 12.08 9.05
C ASP A 114 21.56 10.67 9.23
N TRP A 115 21.35 9.95 8.13
CA TRP A 115 20.75 8.61 8.26
C TRP A 115 21.55 7.71 9.17
N TYR A 116 22.86 7.88 9.18
CA TYR A 116 23.73 7.07 10.00
C TYR A 116 23.74 7.63 11.40
N GLN A 117 24.13 8.91 11.49
N GLN A 117 24.11 8.90 11.55
CA GLN A 117 24.26 9.58 12.78
CA GLN A 117 24.33 9.41 12.89
C GLN A 117 22.98 9.38 13.58
C GLN A 117 23.00 9.65 13.66
N GLU A 118 21.87 9.75 12.97
CA GLU A 118 20.62 9.82 13.70
C GLU A 118 20.11 8.46 14.12
N ALA A 119 20.42 7.41 13.33
CA ALA A 119 20.04 6.04 13.76
C ALA A 119 20.71 5.62 15.07
N LEU A 120 21.92 6.13 15.32
CA LEU A 120 22.65 5.82 16.54
C LEU A 120 22.15 6.60 17.75
N LYS A 121 21.30 7.62 17.52
CA LYS A 121 20.76 8.48 18.59
C LYS A 121 19.31 8.17 18.99
N THR A 122 18.69 7.21 18.32
CA THR A 122 17.32 6.77 18.65
C THR A 122 17.28 5.23 18.51
N ASN A 123 16.42 4.59 19.26
CA ASN A 123 16.17 3.15 19.14
C ASN A 123 15.02 2.81 18.18
N ASP A 124 14.55 3.83 17.47
CA ASP A 124 13.53 3.69 16.45
C ASP A 124 14.18 3.72 15.07
N ILE A 125 13.34 3.48 14.08
CA ILE A 125 13.68 3.77 12.72
C ILE A 125 13.70 5.28 12.56
N PHE A 126 14.72 5.79 11.87
CA PHE A 126 14.82 7.23 11.56
C PHE A 126 14.37 7.40 10.10
N VAL A 127 13.59 8.44 9.83
CA VAL A 127 13.11 8.73 8.49
C VAL A 127 13.66 10.11 8.10
N THR A 128 14.47 10.17 7.04
CA THR A 128 15.05 11.42 6.59
C THR A 128 14.00 12.24 5.84
N PRO A 129 14.17 13.58 5.79
CA PRO A 129 13.54 14.37 4.72
C PRO A 129 14.04 13.87 3.38
N ALA A 130 13.34 14.16 2.31
CA ALA A 130 13.84 13.82 1.00
C ALA A 130 15.16 14.53 0.75
N TYR A 131 16.04 13.85 0.04
CA TYR A 131 17.34 14.45 -0.34
C TYR A 131 17.90 13.75 -1.60
N LEU A 132 18.85 14.39 -2.27
CA LEU A 132 19.43 13.81 -3.48
C LEU A 132 20.44 12.70 -3.12
N ASP A 133 20.15 11.46 -3.52
CA ASP A 133 21.00 10.27 -3.25
C ASP A 133 22.37 10.57 -3.86
N THR A 134 23.39 10.16 -3.11
CA THR A 134 24.78 10.46 -3.45
CA THR A 134 24.76 10.52 -3.48
C THR A 134 25.15 9.89 -4.83
N VAL A 135 24.86 8.63 -5.00
CA VAL A 135 25.36 7.97 -6.18
C VAL A 135 24.34 7.92 -7.30
N LEU A 136 23.08 7.65 -6.97
CA LEU A 136 22.09 7.44 -8.04
C LEU A 136 21.52 8.74 -8.56
N LYS A 137 21.75 9.85 -7.86
CA LYS A 137 21.24 11.15 -8.28
C LYS A 137 19.75 11.03 -8.57
N GLN A 138 19.06 10.40 -7.62
CA GLN A 138 17.62 10.58 -7.50
C GLN A 138 17.26 11.07 -6.10
N TYR A 139 16.16 11.78 -5.96
CA TYR A 139 15.66 12.12 -4.64
C TYR A 139 15.07 10.94 -3.94
N VAL A 140 15.51 10.76 -2.68
CA VAL A 140 15.09 9.60 -1.89
C VAL A 140 14.64 10.00 -0.51
N ILE A 141 13.84 9.14 0.10
CA ILE A 141 13.58 9.15 1.52
C ILE A 141 14.25 7.90 2.07
N THR A 142 15.07 8.12 3.11
CA THR A 142 15.82 7.02 3.72
C THR A 142 15.20 6.66 5.07
N TYR A 143 15.06 5.36 5.27
CA TYR A 143 14.65 4.76 6.55
C TYR A 143 15.91 4.07 7.07
N SER A 144 16.34 4.44 8.26
CA SER A 144 17.53 3.83 8.82
C SER A 144 17.27 3.28 10.19
N LYS A 145 18.08 2.28 10.58
CA LYS A 145 17.87 1.62 11.86
C LYS A 145 19.19 1.00 12.31
N ALA A 146 19.59 1.35 13.53
CA ALA A 146 20.77 0.72 14.14
C ALA A 146 20.41 -0.69 14.54
N ILE A 147 21.26 -1.63 14.12
N ILE A 147 21.15 -1.64 13.99
CA ILE A 147 20.97 -3.04 14.27
CA ILE A 147 20.92 -3.04 14.30
C ILE A 147 21.82 -3.65 15.37
C ILE A 147 21.81 -3.52 15.41
N TYR A 148 21.18 -4.07 16.45
CA TYR A 148 21.87 -4.61 17.63
C TYR A 148 21.57 -6.09 17.73
N LYS A 149 22.58 -6.89 18.02
CA LYS A 149 22.33 -8.28 18.32
C LYS A 149 22.72 -8.49 19.75
N ASP A 150 21.71 -8.82 20.55
CA ASP A 150 21.89 -8.90 21.98
C ASP A 150 22.72 -7.75 22.55
N GLY A 151 22.29 -6.54 22.21
CA GLY A 151 22.85 -5.35 22.82
C GLY A 151 24.09 -4.81 22.13
N LYS A 152 24.64 -5.57 21.19
CA LYS A 152 25.87 -5.21 20.50
C LYS A 152 25.58 -4.62 19.11
N ILE A 153 26.08 -3.41 18.87
CA ILE A 153 25.83 -2.78 17.55
C ILE A 153 26.54 -3.54 16.45
N ILE A 154 25.78 -3.89 15.41
CA ILE A 154 26.35 -4.47 14.19
C ILE A 154 26.65 -3.42 13.14
N GLY A 155 25.68 -2.55 12.94
CA GLY A 155 25.82 -1.45 12.03
C GLY A 155 24.48 -0.77 11.85
N VAL A 156 24.43 0.18 10.91
CA VAL A 156 23.21 0.91 10.63
C VAL A 156 22.66 0.50 9.27
N LEU A 157 21.43 -0.01 9.31
CA LEU A 157 20.72 -0.40 8.07
C LEU A 157 20.09 0.84 7.47
N GLY A 158 20.15 0.94 6.15
CA GLY A 158 19.43 2.00 5.45
C GLY A 158 18.71 1.44 4.25
N VAL A 159 17.55 2.06 4.00
CA VAL A 159 16.70 1.71 2.87
C VAL A 159 16.25 3.00 2.19
N ASP A 160 16.60 3.14 0.90
CA ASP A 160 16.27 4.36 0.17
C ASP A 160 15.12 4.08 -0.80
N ILE A 161 14.04 4.83 -0.65
CA ILE A 161 12.87 4.72 -1.48
C ILE A 161 12.75 6.06 -2.24
N PRO A 162 12.51 6.02 -3.58
CA PRO A 162 12.38 7.28 -4.34
C PRO A 162 11.26 8.14 -3.77
N SER A 163 11.53 9.39 -3.48
CA SER A 163 10.48 10.30 -3.04
C SER A 163 9.39 10.48 -4.08
N GLU A 164 9.72 10.21 -5.35
CA GLU A 164 8.70 10.22 -6.38
C GLU A 164 7.58 9.21 -6.13
N ASP A 165 7.89 8.12 -5.42
CA ASP A 165 6.86 7.12 -5.18
C ASP A 165 5.74 7.72 -4.32
N LEU A 166 6.10 8.50 -3.30
CA LEU A 166 5.08 9.14 -2.46
C LEU A 166 4.39 10.23 -3.28
N GLN A 167 5.17 11.00 -4.04
CA GLN A 167 4.57 12.10 -4.80
C GLN A 167 3.53 11.56 -5.77
N ASN A 168 3.83 10.42 -6.40
CA ASN A 168 2.90 9.80 -7.33
C ASN A 168 1.63 9.29 -6.65
N LEU A 169 1.79 8.65 -5.50
CA LEU A 169 0.65 8.21 -4.73
C LEU A 169 -0.26 9.37 -4.38
N VAL A 170 0.30 10.44 -3.86
CA VAL A 170 -0.50 11.60 -3.46
C VAL A 170 -1.20 12.19 -4.70
N ALA A 171 -0.47 12.30 -5.80
CA ALA A 171 -1.06 12.93 -6.96
C ALA A 171 -2.31 12.17 -7.44
N LYS A 172 -2.35 10.83 -7.29
CA LYS A 172 -3.46 10.01 -7.76
C LYS A 172 -4.73 10.15 -6.94
N THR A 173 -4.62 10.68 -5.72
CA THR A 173 -5.75 10.79 -4.78
C THR A 173 -6.82 11.71 -5.33
N PRO A 174 -8.09 11.47 -4.96
CA PRO A 174 -9.12 12.45 -5.28
C PRO A 174 -8.92 13.78 -4.58
N GLY A 175 -9.53 14.80 -5.17
CA GLY A 175 -9.52 16.11 -4.57
C GLY A 175 -8.27 16.91 -4.90
N ASN A 176 -8.42 18.22 -4.77
CA ASN A 176 -7.29 19.11 -4.99
C ASN A 176 -6.45 19.17 -3.71
N THR A 177 -5.74 18.06 -3.50
CA THR A 177 -4.94 17.89 -2.31
C THR A 177 -3.46 18.03 -2.66
N PHE A 178 -2.67 18.42 -1.67
CA PHE A 178 -1.27 18.67 -1.86
C PHE A 178 -0.55 18.62 -0.53
N LEU A 179 0.78 18.46 -0.61
CA LEU A 179 1.62 18.31 0.58
C LEU A 179 2.74 19.36 0.51
N PHE A 180 3.04 19.95 1.66
CA PHE A 180 4.23 20.73 1.87
C PHE A 180 5.18 19.91 2.71
N ASP A 181 6.48 20.08 2.45
CA ASP A 181 7.52 19.48 3.28
C ASP A 181 7.80 20.34 4.52
N GLN A 182 8.75 19.90 5.34
CA GLN A 182 9.02 20.51 6.65
C GLN A 182 9.36 21.99 6.56
N LYS A 183 9.90 22.39 5.40
CA LYS A 183 10.27 23.77 5.14
C LYS A 183 9.14 24.60 4.51
N ASN A 184 7.93 24.06 4.53
CA ASN A 184 6.79 24.70 3.83
C ASN A 184 7.01 24.96 2.36
N LYS A 185 7.79 24.10 1.72
CA LYS A 185 7.86 24.07 0.26
C LYS A 185 6.94 22.97 -0.30
N ILE A 186 6.33 23.26 -1.42
CA ILE A 186 5.44 22.28 -2.03
C ILE A 186 6.22 21.02 -2.42
N PHE A 187 5.63 19.87 -2.12
CA PHE A 187 6.27 18.57 -2.24
C PHE A 187 5.51 17.61 -3.17
N ALA A 188 4.18 17.64 -3.08
CA ALA A 188 3.35 16.77 -3.92
C ALA A 188 2.00 17.43 -4.12
N ALA A 189 1.33 17.09 -5.22
CA ALA A 189 0.03 17.69 -5.52
C ALA A 189 -0.68 16.83 -6.57
N THR A 190 -1.99 16.78 -6.45
CA THR A 190 -2.85 16.23 -7.48
C THR A 190 -2.84 17.04 -8.79
N ASN A 191 -2.86 18.36 -8.67
CA ASN A 191 -2.74 19.25 -9.82
C ASN A 191 -1.25 19.61 -9.98
N LYS A 192 -0.63 19.04 -11.01
CA LYS A 192 0.81 19.19 -11.21
C LYS A 192 1.25 20.65 -11.32
N GLU A 193 0.32 21.53 -11.66
CA GLU A 193 0.64 22.96 -11.80
C GLU A 193 1.03 23.62 -10.46
N LEU A 194 0.60 23.05 -9.34
CA LEU A 194 0.85 23.65 -8.01
C LEU A 194 2.32 23.59 -7.56
N LEU A 195 3.03 22.64 -8.15
CA LEU A 195 4.44 22.37 -7.87
C LEU A 195 5.38 23.44 -8.47
N ASN A 196 4.84 24.45 -9.17
CA ASN A 196 5.62 25.60 -9.60
C ASN A 196 6.21 26.23 -8.34
N PRO A 197 7.56 26.29 -8.23
CA PRO A 197 8.18 26.81 -7.01
C PRO A 197 7.96 28.32 -6.84
N SER A 198 7.48 28.97 -7.89
CA SER A 198 7.14 30.38 -7.84
C SER A 198 5.75 30.74 -7.32
N ILE A 199 4.89 29.74 -7.20
CA ILE A 199 3.57 29.99 -6.63
C ILE A 199 3.74 30.32 -5.15
N ASP A 200 3.07 31.38 -4.72
CA ASP A 200 2.98 31.70 -3.31
C ASP A 200 1.80 30.96 -2.68
N HIS A 201 2.06 30.35 -1.53
CA HIS A 201 1.01 29.64 -0.80
C HIS A 201 0.73 30.30 0.53
N SER A 202 1.12 31.57 0.67
CA SER A 202 0.93 32.27 1.95
C SER A 202 -0.53 32.27 2.43
N PRO A 203 -1.46 32.56 1.52
CA PRO A 203 -2.86 32.62 1.95
C PRO A 203 -3.36 31.34 2.62
N VAL A 204 -3.08 30.20 1.97
N VAL A 204 -3.06 30.17 2.04
CA VAL A 204 -3.45 28.89 2.50
CA VAL A 204 -3.56 28.93 2.63
C VAL A 204 -2.71 28.62 3.79
C VAL A 204 -2.68 28.49 3.81
N LEU A 205 -1.39 28.89 3.79
CA LEU A 205 -0.55 28.59 4.96
C LEU A 205 -0.91 29.49 6.13
N ASN A 206 -1.27 30.74 5.84
CA ASN A 206 -1.70 31.65 6.91
C ASN A 206 -3.05 31.29 7.46
N ALA A 207 -3.92 30.83 6.58
CA ALA A 207 -5.26 30.39 7.00
C ALA A 207 -5.17 29.11 7.83
N TYR A 208 -4.24 28.21 7.49
CA TYR A 208 -3.99 27.03 8.32
C TYR A 208 -3.46 27.41 9.71
N LYS A 209 -2.54 28.35 9.75
CA LYS A 209 -1.92 28.76 11.00
C LYS A 209 -2.94 29.39 11.94
N LEU A 210 -3.89 30.12 11.37
CA LEU A 210 -5.01 30.69 12.12
C LEU A 210 -5.98 29.64 12.66
N ASN A 211 -6.23 28.58 11.88
CA ASN A 211 -7.39 27.71 12.13
C ASN A 211 -7.03 26.35 12.76
N GLY A 212 -5.84 25.82 12.47
CA GLY A 212 -5.40 24.56 13.09
C GLY A 212 -5.76 23.38 12.21
N ASP A 213 -5.40 22.18 12.70
CA ASP A 213 -5.56 20.94 11.94
C ASP A 213 -7.01 20.66 11.71
N ASN A 214 -7.33 20.38 10.44
CA ASN A 214 -8.63 19.83 10.04
C ASN A 214 -9.77 20.82 10.24
N ASN A 215 -9.41 22.09 10.30
CA ASN A 215 -10.39 23.14 10.53
C ASN A 215 -10.59 23.95 9.24
N PHE A 216 -11.78 23.78 8.67
CA PHE A 216 -12.14 24.30 7.37
C PHE A 216 -12.14 25.83 7.43
N PHE A 217 -11.62 26.46 6.38
CA PHE A 217 -11.49 27.90 6.32
C PHE A 217 -11.80 28.47 4.94
N SER A 218 -12.02 29.79 4.93
CA SER A 218 -12.19 30.61 3.74
C SER A 218 -10.91 31.44 3.50
N TYR A 219 -10.55 31.63 2.22
CA TYR A 219 -9.42 32.47 1.88
C TYR A 219 -9.61 32.93 0.44
N LYS A 220 -8.80 33.90 0.02
CA LYS A 220 -8.98 34.54 -1.29
C LYS A 220 -7.88 34.17 -2.27
N LEU A 221 -8.27 34.10 -3.54
CA LEU A 221 -7.33 34.00 -4.66
C LEU A 221 -7.83 34.91 -5.79
N ASN A 222 -7.07 35.93 -6.17
CA ASN A 222 -7.47 36.82 -7.28
C ASN A 222 -8.80 37.49 -6.91
N ASN A 223 -8.98 37.74 -5.61
CA ASN A 223 -10.20 38.32 -5.06
C ASN A 223 -11.48 37.44 -5.18
N GLU A 224 -11.30 36.16 -5.49
CA GLU A 224 -12.38 35.18 -5.37
C GLU A 224 -12.23 34.37 -4.09
N GLU A 225 -13.35 33.82 -3.63
CA GLU A 225 -13.36 33.06 -2.39
C GLU A 225 -13.09 31.57 -2.62
N ARG A 226 -12.24 30.98 -1.79
CA ARG A 226 -11.93 29.57 -1.82
C ARG A 226 -12.11 29.03 -0.42
N LEU A 227 -12.22 27.70 -0.32
CA LEU A 227 -12.39 27.03 0.92
C LEU A 227 -11.31 25.95 1.02
N GLY A 228 -10.84 25.68 2.22
CA GLY A 228 -9.85 24.63 2.41
C GLY A 228 -9.70 24.17 3.83
N ALA A 229 -8.75 23.26 3.97
CA ALA A 229 -8.32 22.73 5.26
C ALA A 229 -6.94 22.14 5.09
N CYS A 230 -6.19 22.13 6.19
CA CYS A 230 -4.90 21.47 6.23
C CYS A 230 -4.72 20.76 7.55
N THR A 231 -3.80 19.81 7.57
CA THR A 231 -3.43 19.14 8.76
C THR A 231 -2.00 18.66 8.67
N LYS A 232 -1.37 18.53 9.83
CA LYS A 232 -0.01 18.01 9.91
C LYS A 232 -0.07 16.51 9.76
N VAL A 233 0.86 15.98 8.98
CA VAL A 233 1.03 14.55 8.85
C VAL A 233 2.55 14.31 8.90
N PHE A 234 3.00 13.76 10.01
CA PHE A 234 4.42 13.76 10.35
C PHE A 234 4.99 15.17 10.19
N ALA A 235 6.08 15.34 9.43
CA ALA A 235 6.60 16.68 9.21
C ALA A 235 6.02 17.43 8.03
N TYR A 236 5.08 16.78 7.35
CA TYR A 236 4.41 17.37 6.20
C TYR A 236 3.18 18.15 6.64
N THR A 237 2.77 19.09 5.79
CA THR A 237 1.47 19.69 5.90
C THR A 237 0.65 19.26 4.69
N ALA A 238 -0.50 18.63 4.93
CA ALA A 238 -1.42 18.18 3.87
C ALA A 238 -2.58 19.15 3.82
N CYS A 239 -2.93 19.59 2.62
CA CYS A 239 -4.01 20.54 2.43
C CYS A 239 -4.94 20.09 1.32
N ILE A 240 -6.17 20.61 1.40
CA ILE A 240 -7.13 20.59 0.31
C ILE A 240 -7.70 22.00 0.16
N THR A 241 -7.97 22.42 -1.08
CA THR A 241 -8.72 23.67 -1.31
C THR A 241 -9.64 23.50 -2.51
N GLU A 242 -10.67 24.33 -2.54
CA GLU A 242 -11.63 24.34 -3.65
C GLU A 242 -12.17 25.75 -3.78
N SER A 243 -12.82 26.01 -4.90
CA SER A 243 -13.59 27.22 -5.07
C SER A 243 -14.77 27.22 -4.13
N ALA A 244 -15.10 28.39 -3.59
CA ALA A 244 -16.34 28.59 -2.85
C ALA A 244 -17.59 28.80 -3.71
N ASP A 245 -17.49 28.53 -5.03
CA ASP A 245 -18.65 28.68 -5.90
C ASP A 245 -19.74 27.68 -5.47
N ILE A 246 -19.34 26.55 -4.91
CA ILE A 246 -20.30 25.52 -4.45
C ILE A 246 -21.26 26.06 -3.36
N ILE A 247 -20.81 27.01 -2.54
CA ILE A 247 -21.66 27.57 -1.52
C ILE A 247 -22.23 28.92 -1.93
N ASN A 248 -21.61 29.58 -2.90
CA ASN A 248 -22.01 30.95 -3.22
C ASN A 248 -22.94 31.02 -4.42
N LYS A 249 -22.85 30.03 -5.31
CA LYS A 249 -23.59 30.08 -6.57
C LYS A 249 -24.45 28.83 -6.71
N GLY B 1 -43.19 12.07 -10.68
CA GLY B 1 -42.12 12.25 -11.72
C GLY B 1 -40.75 12.45 -11.11
N ILE B 2 -40.01 13.43 -11.64
CA ILE B 2 -38.67 13.68 -11.18
C ILE B 2 -38.73 14.24 -9.75
N ASP B 3 -37.91 13.68 -8.85
CA ASP B 3 -37.70 14.19 -7.49
C ASP B 3 -37.03 15.56 -7.56
N PRO B 4 -37.74 16.61 -7.12
CA PRO B 4 -37.15 17.92 -7.26
C PRO B 4 -35.79 18.11 -6.60
N PHE B 5 -35.52 17.35 -5.56
CA PHE B 5 -34.22 17.47 -4.90
C PHE B 5 -33.07 17.10 -5.83
N THR B 6 -33.35 16.23 -6.79
CA THR B 6 -32.31 15.79 -7.68
C THR B 6 -31.81 16.86 -8.64
N LYS B 7 -32.51 17.99 -8.69
CA LYS B 7 -32.07 19.11 -9.53
C LYS B 7 -31.23 20.13 -8.76
N THR B 8 -31.00 19.88 -7.48
CA THR B 8 -30.23 20.80 -6.68
C THR B 8 -28.70 20.61 -6.88
N SER B 9 -27.98 21.69 -6.71
CA SER B 9 -26.53 21.66 -6.64
C SER B 9 -26.07 20.76 -5.45
N LEU B 10 -26.85 20.71 -4.38
CA LEU B 10 -26.44 19.94 -3.23
C LEU B 10 -26.50 18.45 -3.58
N TYR B 11 -27.58 18.01 -4.24
CA TYR B 11 -27.66 16.62 -4.68
C TYR B 11 -26.49 16.27 -5.60
N GLU B 12 -26.20 17.15 -6.54
CA GLU B 12 -25.12 16.90 -7.49
C GLU B 12 -23.77 16.74 -6.78
N SER B 13 -23.47 17.63 -5.84
N SER B 13 -23.51 17.63 -5.83
N SER B 13 -23.45 17.73 -5.95
CA SER B 13 -22.18 17.52 -5.15
CA SER B 13 -22.25 17.60 -5.09
CA SER B 13 -22.30 17.65 -5.04
C SER B 13 -22.16 16.33 -4.17
C SER B 13 -22.17 16.40 -4.13
C SER B 13 -22.24 16.29 -4.36
N THR B 14 -23.33 15.95 -3.67
CA THR B 14 -23.41 14.75 -2.82
C THR B 14 -23.07 13.50 -3.64
N LEU B 15 -23.67 13.38 -4.80
CA LEU B 15 -23.31 12.26 -5.65
C LEU B 15 -21.83 12.30 -6.09
N LYS B 16 -21.31 13.48 -6.40
CA LYS B 16 -19.91 13.57 -6.75
C LYS B 16 -19.05 12.97 -5.59
N ASN B 17 -19.34 13.39 -4.35
N ASN B 17 -19.39 13.24 -4.34
CA ASN B 17 -18.67 12.88 -3.14
CA ASN B 17 -18.52 12.82 -3.24
C ASN B 17 -18.71 11.37 -3.16
C ASN B 17 -18.77 11.36 -2.89
N GLN B 18 -19.93 10.82 -3.25
CA GLN B 18 -20.08 9.35 -3.19
C GLN B 18 -19.27 8.69 -4.27
N THR B 19 -19.28 9.25 -5.49
CA THR B 19 -18.47 8.71 -6.54
C THR B 19 -16.99 8.71 -6.15
N ASP B 20 -16.52 9.85 -5.63
CA ASP B 20 -15.13 9.94 -5.22
C ASP B 20 -14.77 8.87 -4.19
N LEU B 21 -15.62 8.68 -3.19
CA LEU B 21 -15.36 7.66 -2.19
C LEU B 21 -15.38 6.24 -2.74
N LEU B 22 -16.32 5.96 -3.65
CA LEU B 22 -16.31 4.67 -4.26
C LEU B 22 -15.01 4.42 -4.99
N LYS B 23 -14.53 5.43 -5.69
CA LYS B 23 -13.27 5.32 -6.42
C LYS B 23 -12.07 5.08 -5.47
N VAL B 24 -12.12 5.62 -4.25
CA VAL B 24 -11.05 5.32 -3.26
C VAL B 24 -11.04 3.83 -2.96
N THR B 25 -12.23 3.23 -2.78
CA THR B 25 -12.30 1.79 -2.51
C THR B 25 -11.85 1.00 -3.75
N GLN B 26 -12.22 1.45 -4.93
CA GLN B 26 -11.67 0.86 -6.16
C GLN B 26 -10.12 0.88 -6.15
N SER B 27 -9.56 2.05 -5.92
CA SER B 27 -8.11 2.22 -5.91
C SER B 27 -7.46 1.29 -4.88
N THR B 28 -8.12 1.14 -3.75
CA THR B 28 -7.59 0.26 -2.70
C THR B 28 -7.42 -1.17 -3.24
N VAL B 29 -8.43 -1.67 -3.90
CA VAL B 29 -8.38 -2.99 -4.52
C VAL B 29 -7.26 -3.09 -5.56
N GLU B 30 -7.23 -2.10 -6.45
CA GLU B 30 -6.24 -2.07 -7.52
C GLU B 30 -4.83 -2.10 -6.94
N ASP B 31 -4.58 -1.22 -5.96
CA ASP B 31 -3.19 -1.04 -5.49
C ASP B 31 -2.76 -2.32 -4.69
N PHE B 32 -3.69 -2.95 -4.00
CA PHE B 32 -3.40 -4.21 -3.29
C PHE B 32 -2.96 -5.29 -4.28
N ARG B 33 -3.72 -5.43 -5.35
N ARG B 33 -3.72 -5.39 -5.36
CA ARG B 33 -3.35 -6.34 -6.39
CA ARG B 33 -3.44 -6.36 -6.40
C ARG B 33 -1.97 -6.00 -6.99
C ARG B 33 -2.07 -6.14 -7.06
N SER B 34 -1.83 -4.79 -7.50
N SER B 34 -1.82 -4.87 -7.46
CA SER B 34 -0.60 -4.44 -8.20
CA SER B 34 -0.58 -4.47 -8.17
CA SER B 34 -0.61 -4.55 -8.13
C SER B 34 0.64 -4.71 -7.33
C SER B 34 0.64 -4.77 -7.31
N THR B 35 0.59 -4.30 -6.07
CA THR B 35 1.72 -4.54 -5.18
C THR B 35 2.03 -6.01 -5.05
N ASN B 36 1.01 -6.81 -4.83
CA ASN B 36 1.22 -8.25 -4.63
C ASN B 36 1.71 -8.95 -5.90
N GLN B 37 1.18 -8.54 -7.05
CA GLN B 37 1.71 -9.01 -8.33
C GLN B 37 3.19 -8.66 -8.55
N SER B 38 3.55 -7.41 -8.24
N SER B 38 3.58 -7.43 -8.23
CA SER B 38 4.95 -7.00 -8.43
CA SER B 38 4.98 -7.03 -8.44
C SER B 38 5.89 -7.80 -7.48
C SER B 38 5.93 -7.72 -7.46
N PHE B 39 5.46 -7.98 -6.25
CA PHE B 39 6.22 -8.78 -5.28
C PHE B 39 6.45 -10.20 -5.81
N THR B 40 5.40 -10.78 -6.37
CA THR B 40 5.46 -12.15 -6.84
C THR B 40 6.38 -12.27 -8.05
N ARG B 41 6.33 -11.28 -8.94
N ARG B 41 6.30 -11.30 -8.96
CA ARG B 41 7.22 -11.24 -10.10
CA ARG B 41 7.23 -11.26 -10.10
C ARG B 41 8.69 -11.11 -9.68
C ARG B 41 8.71 -11.17 -9.63
N ALA B 42 8.95 -10.31 -8.66
CA ALA B 42 10.30 -10.13 -8.16
C ALA B 42 10.82 -11.46 -7.59
N LEU B 43 9.97 -12.16 -6.85
CA LEU B 43 10.35 -13.43 -6.24
C LEU B 43 10.67 -14.44 -7.34
N GLU B 44 9.80 -14.50 -8.36
N GLU B 44 9.82 -14.53 -8.36
CA GLU B 44 10.04 -15.38 -9.52
CA GLU B 44 10.13 -15.46 -9.45
C GLU B 44 11.42 -15.13 -10.11
C GLU B 44 11.49 -15.15 -10.07
N LYS B 45 11.75 -13.86 -10.30
CA LYS B 45 13.00 -13.49 -10.96
C LYS B 45 14.20 -13.92 -10.10
N ASP B 46 14.11 -13.75 -8.79
CA ASP B 46 15.22 -14.15 -7.93
C ASP B 46 15.37 -15.69 -7.86
N ILE B 47 14.27 -16.42 -7.90
CA ILE B 47 14.36 -17.87 -7.89
C ILE B 47 15.01 -18.32 -9.22
N ALA B 48 14.50 -17.80 -10.34
CA ALA B 48 14.98 -18.23 -11.64
C ALA B 48 16.42 -17.76 -11.93
N ASN B 49 16.91 -16.80 -11.17
N ASN B 49 16.90 -16.83 -11.14
CA ASN B 49 18.32 -16.39 -11.25
CA ASN B 49 18.29 -16.39 -11.23
C ASN B 49 19.28 -17.31 -10.49
C ASN B 49 19.27 -17.34 -10.54
N LEU B 50 18.75 -18.27 -9.73
CA LEU B 50 19.59 -19.35 -9.21
C LEU B 50 20.16 -20.18 -10.34
N PRO B 51 21.41 -20.62 -10.19
CA PRO B 51 21.94 -21.46 -11.25
C PRO B 51 21.19 -22.80 -11.39
N TYR B 52 21.16 -23.27 -12.61
CA TYR B 52 20.39 -24.45 -12.97
C TYR B 52 20.60 -25.59 -11.98
N GLN B 53 21.85 -25.82 -11.58
CA GLN B 53 22.14 -26.95 -10.72
C GLN B 53 21.54 -26.78 -9.33
N SER B 54 21.36 -25.54 -8.91
CA SER B 54 20.71 -25.24 -7.62
C SER B 54 19.20 -25.51 -7.61
N LEU B 55 18.62 -25.82 -8.77
CA LEU B 55 17.15 -25.93 -8.93
C LEU B 55 16.70 -27.34 -9.29
N ILE B 56 17.68 -28.26 -9.37
CA ILE B 56 17.50 -29.55 -10.06
C ILE B 56 17.38 -30.77 -9.16
N THR B 57 17.81 -30.69 -7.90
CA THR B 57 17.52 -31.72 -6.89
C THR B 57 16.71 -31.14 -5.73
N GLU B 58 15.99 -32.00 -5.00
CA GLU B 58 15.18 -31.56 -3.85
C GLU B 58 16.06 -30.98 -2.73
N GLU B 59 17.24 -31.55 -2.52
CA GLU B 59 18.18 -30.99 -1.51
C GLU B 59 18.62 -29.58 -1.90
N ASN B 60 18.93 -29.38 -3.18
CA ASN B 60 19.40 -28.07 -3.62
C ASN B 60 18.23 -27.06 -3.61
N ILE B 61 17.02 -27.49 -3.95
CA ILE B 61 15.85 -26.62 -3.88
C ILE B 61 15.64 -26.16 -2.43
N ILE B 62 15.62 -27.11 -1.51
CA ILE B 62 15.46 -26.79 -0.09
C ILE B 62 16.49 -25.77 0.33
N ASN B 63 17.77 -26.05 0.04
CA ASN B 63 18.85 -25.20 0.56
C ASN B 63 18.95 -23.84 -0.11
N ASN B 64 18.60 -23.75 -1.39
CA ASN B 64 18.83 -22.55 -2.15
C ASN B 64 17.57 -21.72 -2.38
N VAL B 65 16.45 -22.39 -2.61
CA VAL B 65 15.18 -21.66 -2.76
C VAL B 65 14.61 -21.25 -1.40
N GLY B 66 14.73 -22.10 -0.39
CA GLY B 66 14.06 -21.85 0.86
C GLY B 66 14.38 -20.51 1.48
N PRO B 67 15.69 -20.17 1.54
CA PRO B 67 15.99 -18.85 2.11
C PRO B 67 15.29 -17.70 1.39
N ILE B 68 15.20 -17.80 0.08
CA ILE B 68 14.59 -16.72 -0.69
C ILE B 68 13.12 -16.62 -0.33
N LEU B 69 12.44 -17.75 -0.26
CA LEU B 69 11.03 -17.74 0.14
C LEU B 69 10.84 -17.05 1.50
N LYS B 70 11.71 -17.39 2.44
N LYS B 70 11.70 -17.40 2.44
CA LYS B 70 11.59 -16.89 3.80
CA LYS B 70 11.60 -16.90 3.81
C LYS B 70 11.82 -15.37 3.84
C LYS B 70 11.85 -15.39 3.88
N TYR B 71 12.89 -14.92 3.22
CA TYR B 71 13.20 -13.49 3.25
C TYR B 71 12.08 -12.69 2.58
N TYR B 72 11.58 -13.19 1.46
CA TYR B 72 10.46 -12.55 0.79
C TYR B 72 9.21 -12.56 1.66
N ARG B 73 8.90 -13.69 2.28
CA ARG B 73 7.74 -13.74 3.17
C ARG B 73 7.83 -12.67 4.27
N HIS B 74 9.01 -12.55 4.87
CA HIS B 74 9.22 -11.57 5.92
C HIS B 74 9.02 -10.13 5.42
N SER B 75 9.59 -9.89 4.24
CA SER B 75 9.64 -8.54 3.70
C SER B 75 8.25 -7.92 3.61
N ILE B 76 7.23 -8.73 3.26
N ILE B 76 7.21 -8.69 3.32
CA ILE B 76 5.87 -8.22 3.07
CA ILE B 76 5.86 -8.13 3.20
C ILE B 76 4.90 -8.72 4.17
C ILE B 76 4.87 -8.71 4.20
N ASN B 77 5.36 -9.60 5.06
CA ASN B 77 4.50 -10.31 6.03
C ASN B 77 3.42 -11.17 5.33
N ALA B 78 3.82 -11.91 4.30
CA ALA B 78 2.90 -12.85 3.67
C ALA B 78 2.58 -14.00 4.60
N LEU B 79 1.44 -14.66 4.39
CA LEU B 79 1.06 -15.78 5.25
C LEU B 79 1.85 -17.05 4.92
N ASN B 80 1.90 -17.37 3.64
CA ASN B 80 2.65 -18.53 3.12
C ASN B 80 3.35 -18.07 1.86
N VAL B 81 4.57 -18.56 1.65
CA VAL B 81 5.28 -18.37 0.38
C VAL B 81 5.91 -19.71 0.06
N TYR B 82 5.70 -20.23 -1.16
CA TYR B 82 5.99 -21.64 -1.43
C TYR B 82 6.24 -21.91 -2.90
N LEU B 83 7.03 -22.96 -3.15
CA LEU B 83 7.25 -23.47 -4.46
C LEU B 83 6.68 -24.89 -4.53
N GLY B 84 5.68 -25.07 -5.41
CA GLY B 84 5.12 -26.39 -5.71
C GLY B 84 5.92 -27.04 -6.81
N LEU B 85 6.31 -28.28 -6.61
CA LEU B 85 7.04 -29.03 -7.62
C LEU B 85 6.15 -29.96 -8.43
N ASN B 86 6.61 -30.31 -9.64
CA ASN B 86 5.92 -31.30 -10.48
C ASN B 86 5.53 -32.57 -9.73
N ASN B 87 6.42 -33.08 -8.88
CA ASN B 87 6.17 -34.36 -8.21
C ASN B 87 5.17 -34.17 -7.09
N GLY B 88 4.62 -32.96 -6.98
CA GLY B 88 3.58 -32.65 -6.01
C GLY B 88 4.06 -32.25 -4.63
N LYS B 89 5.36 -32.32 -4.36
CA LYS B 89 5.91 -31.75 -3.12
C LYS B 89 5.89 -30.22 -3.14
N VAL B 90 5.84 -29.61 -1.97
CA VAL B 90 5.83 -28.12 -1.86
C VAL B 90 6.90 -27.76 -0.87
N LEU B 91 7.76 -26.84 -1.28
CA LEU B 91 8.67 -26.17 -0.34
C LEU B 91 7.93 -25.00 0.27
N LEU B 92 7.70 -25.05 1.58
CA LEU B 92 6.76 -24.13 2.24
C LEU B 92 7.39 -23.25 3.31
N SER B 93 7.37 -21.94 3.10
CA SER B 93 7.72 -20.97 4.13
C SER B 93 6.45 -20.41 4.77
N GLN B 94 6.27 -20.66 6.06
CA GLN B 94 5.15 -20.03 6.88
C GLN B 94 5.69 -19.67 8.28
N LYS B 95 5.01 -18.81 9.04
CA LYS B 95 5.41 -18.59 10.48
C LYS B 95 5.48 -19.91 11.23
N SER B 96 6.53 -20.11 12.03
CA SER B 96 6.56 -21.15 13.07
C SER B 96 7.49 -20.75 14.23
N ALA B 99 11.41 -19.61 12.65
CA ALA B 99 12.44 -20.46 13.22
C ALA B 99 12.97 -21.44 12.18
N LYS B 100 12.35 -22.61 12.10
CA LYS B 100 12.75 -23.65 11.17
C LYS B 100 12.79 -23.07 9.78
N MET B 101 13.63 -23.67 8.96
CA MET B 101 13.71 -23.28 7.58
C MET B 101 12.59 -23.94 6.80
N PRO B 102 12.26 -23.38 5.63
CA PRO B 102 11.24 -24.03 4.79
C PRO B 102 11.57 -25.50 4.55
N GLU B 103 10.53 -26.31 4.61
CA GLU B 103 10.61 -27.75 4.41
C GLU B 103 9.72 -28.23 3.29
N LEU B 104 10.03 -29.40 2.75
CA LEU B 104 9.17 -30.02 1.76
C LEU B 104 8.01 -30.70 2.44
N ARG B 105 6.81 -30.37 2.02
CA ARG B 105 5.63 -31.11 2.42
C ARG B 105 5.19 -31.94 1.24
N ASP B 106 4.71 -33.15 1.51
CA ASP B 106 4.37 -34.05 0.42
C ASP B 106 2.87 -34.34 0.39
N ASP B 107 2.08 -33.59 1.16
CA ASP B 107 0.65 -33.88 1.28
C ASP B 107 -0.26 -32.66 1.22
N LEU B 108 -0.05 -31.79 0.24
CA LEU B 108 -0.93 -30.65 0.05
C LEU B 108 -1.77 -30.74 -1.23
N ASP B 109 -1.65 -31.86 -1.94
CA ASP B 109 -2.46 -32.15 -3.12
C ASP B 109 -2.44 -31.03 -4.16
N ILE B 110 -1.26 -30.59 -4.57
CA ILE B 110 -1.18 -29.38 -5.37
C ILE B 110 -1.53 -29.52 -6.86
N LYS B 111 -1.21 -30.67 -7.48
CA LYS B 111 -1.34 -30.84 -8.94
C LYS B 111 -2.79 -30.67 -9.38
N THR B 112 -3.72 -30.74 -8.44
CA THR B 112 -5.13 -30.63 -8.75
C THR B 112 -5.72 -29.31 -8.26
N LYS B 113 -4.89 -28.38 -7.82
CA LYS B 113 -5.37 -27.06 -7.37
C LYS B 113 -5.26 -25.96 -8.42
N ASP B 114 -6.17 -25.00 -8.35
CA ASP B 114 -6.23 -23.89 -9.33
C ASP B 114 -4.94 -23.08 -9.35
N TRP B 115 -4.41 -22.73 -8.18
CA TRP B 115 -3.22 -21.87 -8.18
C TRP B 115 -2.09 -22.51 -8.95
N TYR B 116 -2.02 -23.82 -8.81
CA TYR B 116 -1.00 -24.58 -9.51
C TYR B 116 -1.36 -24.74 -10.99
N GLN B 117 -2.50 -25.36 -11.28
CA GLN B 117 -2.85 -25.65 -12.66
C GLN B 117 -3.03 -24.41 -13.53
N GLU B 118 -3.60 -23.34 -12.98
CA GLU B 118 -3.80 -22.14 -13.79
C GLU B 118 -2.53 -21.39 -14.09
N ALA B 119 -1.53 -21.52 -13.23
CA ALA B 119 -0.27 -20.84 -13.45
C ALA B 119 0.45 -21.42 -14.67
N LEU B 120 0.23 -22.71 -14.90
CA LEU B 120 0.86 -23.41 -16.02
C LEU B 120 0.23 -22.97 -17.35
N LYS B 121 -0.90 -22.27 -17.31
CA LYS B 121 -1.64 -21.90 -18.53
C LYS B 121 -1.41 -20.45 -18.98
N THR B 122 -0.51 -19.75 -18.30
CA THR B 122 -0.25 -18.35 -18.56
C THR B 122 1.21 -18.01 -18.26
N ASN B 123 1.74 -16.97 -18.91
CA ASN B 123 3.10 -16.46 -18.69
C ASN B 123 3.01 -15.40 -17.57
N ASP B 124 1.81 -15.36 -17.01
CA ASP B 124 1.30 -14.26 -16.20
C ASP B 124 1.27 -14.70 -14.75
N ILE B 125 1.05 -13.74 -13.88
CA ILE B 125 0.61 -14.07 -12.55
C ILE B 125 -0.83 -14.50 -12.61
N PHE B 126 -1.12 -15.58 -11.91
CA PHE B 126 -2.51 -15.97 -11.72
C PHE B 126 -2.97 -15.52 -10.35
N VAL B 127 -4.19 -14.99 -10.28
CA VAL B 127 -4.73 -14.56 -9.00
C VAL B 127 -5.95 -15.40 -8.69
N THR B 128 -5.93 -16.12 -7.58
CA THR B 128 -7.08 -16.95 -7.21
C THR B 128 -8.20 -16.13 -6.57
N PRO B 129 -9.47 -16.61 -6.72
CA PRO B 129 -10.47 -16.23 -5.69
C PRO B 129 -10.01 -16.62 -4.33
N ALA B 130 -10.47 -15.90 -3.34
CA ALA B 130 -10.22 -16.30 -1.96
C ALA B 130 -10.71 -17.73 -1.67
N TYR B 131 -9.93 -18.47 -0.91
CA TYR B 131 -10.32 -19.78 -0.48
C TYR B 131 -9.64 -20.08 0.85
N LEU B 132 -10.07 -21.18 1.48
CA LEU B 132 -9.59 -21.53 2.81
C LEU B 132 -8.26 -22.23 2.77
N ASP B 133 -7.21 -21.59 3.28
CA ASP B 133 -5.88 -22.20 3.24
C ASP B 133 -5.92 -23.66 3.75
N THR B 134 -5.18 -24.55 3.11
CA THR B 134 -5.18 -25.96 3.47
C THR B 134 -4.71 -26.19 4.93
N VAL B 135 -3.69 -25.44 5.37
CA VAL B 135 -3.07 -25.65 6.69
C VAL B 135 -3.65 -24.69 7.74
N LEU B 136 -3.70 -23.41 7.42
CA LEU B 136 -3.95 -22.40 8.43
C LEU B 136 -5.44 -22.07 8.58
N LYS B 137 -6.23 -22.50 7.58
CA LYS B 137 -7.67 -22.37 7.60
C LYS B 137 -8.05 -20.90 7.78
N GLN B 138 -7.19 -20.00 7.29
CA GLN B 138 -7.59 -18.61 7.07
C GLN B 138 -7.91 -18.47 5.58
N TYR B 139 -8.84 -17.57 5.24
CA TYR B 139 -9.09 -17.29 3.82
C TYR B 139 -7.90 -16.51 3.21
N VAL B 140 -7.42 -16.99 2.05
CA VAL B 140 -6.30 -16.36 1.41
C VAL B 140 -6.63 -16.05 -0.02
N ILE B 141 -5.94 -15.05 -0.53
CA ILE B 141 -5.77 -14.84 -1.95
C ILE B 141 -4.35 -15.16 -2.40
N THR B 142 -4.29 -16.11 -3.32
CA THR B 142 -3.04 -16.63 -3.80
C THR B 142 -2.67 -16.00 -5.13
N TYR B 143 -1.41 -15.54 -5.19
CA TYR B 143 -0.77 -15.10 -6.43
C TYR B 143 0.22 -16.17 -6.82
N SER B 144 0.11 -16.73 -8.02
CA SER B 144 0.98 -17.80 -8.45
C SER B 144 1.58 -17.59 -9.84
N LYS B 145 2.77 -18.15 -10.05
CA LYS B 145 3.53 -17.96 -11.29
C LYS B 145 4.37 -19.21 -11.53
N ALA B 146 4.25 -19.78 -12.73
CA ALA B 146 5.09 -20.85 -13.12
C ALA B 146 6.52 -20.38 -13.26
N ILE B 147 7.46 -21.15 -12.73
N ILE B 147 7.45 -21.11 -12.65
CA ILE B 147 8.84 -20.72 -12.68
CA ILE B 147 8.85 -20.75 -12.72
C ILE B 147 9.63 -21.63 -13.62
C ILE B 147 9.45 -21.66 -13.75
N TYR B 148 10.16 -21.03 -14.68
CA TYR B 148 10.98 -21.73 -15.66
C TYR B 148 12.43 -21.34 -15.44
N LYS B 149 13.29 -22.31 -15.66
CA LYS B 149 14.73 -22.07 -15.67
C LYS B 149 15.17 -22.54 -17.04
N ASP B 150 15.76 -21.61 -17.82
CA ASP B 150 16.19 -21.89 -19.20
C ASP B 150 15.05 -22.56 -19.95
N GLY B 151 13.85 -22.01 -19.72
CA GLY B 151 12.65 -22.44 -20.40
C GLY B 151 12.06 -23.79 -20.02
N LYS B 152 12.50 -24.34 -18.89
CA LYS B 152 12.03 -25.62 -18.37
C LYS B 152 11.32 -25.42 -17.04
N ILE B 153 10.14 -26.03 -16.90
CA ILE B 153 9.32 -25.85 -15.68
C ILE B 153 10.00 -26.43 -14.46
N ILE B 154 10.24 -25.58 -13.49
CA ILE B 154 10.75 -26.02 -12.19
C ILE B 154 9.58 -26.33 -11.24
N GLY B 155 8.58 -25.45 -11.27
CA GLY B 155 7.48 -25.56 -10.32
C GLY B 155 6.65 -24.32 -10.43
N VAL B 156 5.70 -24.21 -9.53
CA VAL B 156 4.83 -23.07 -9.47
C VAL B 156 5.02 -22.38 -8.15
N LEU B 157 5.38 -21.12 -8.21
CA LEU B 157 5.51 -20.26 -7.05
C LEU B 157 4.11 -19.79 -6.61
N GLY B 158 3.87 -19.81 -5.32
CA GLY B 158 2.68 -19.24 -4.76
C GLY B 158 2.93 -18.34 -3.57
N VAL B 159 2.12 -17.30 -3.45
CA VAL B 159 2.20 -16.34 -2.37
C VAL B 159 0.79 -16.17 -1.84
N ASP B 160 0.59 -16.41 -0.53
CA ASP B 160 -0.75 -16.31 0.05
C ASP B 160 -0.75 -15.06 0.91
N ILE B 161 -1.71 -14.19 0.64
CA ILE B 161 -1.96 -13.00 1.43
C ILE B 161 -3.41 -13.09 1.97
N PRO B 162 -3.56 -13.14 3.29
CA PRO B 162 -4.92 -13.26 3.87
C PRO B 162 -5.89 -12.24 3.32
N SER B 163 -7.07 -12.72 2.87
CA SER B 163 -8.10 -11.85 2.36
C SER B 163 -8.50 -10.87 3.40
N GLU B 164 -8.27 -11.21 4.67
CA GLU B 164 -8.46 -10.25 5.78
C GLU B 164 -7.58 -9.00 5.67
N ASP B 165 -6.45 -9.07 5.00
CA ASP B 165 -5.62 -7.86 4.79
C ASP B 165 -6.36 -6.87 3.89
N LEU B 166 -7.03 -7.36 2.84
CA LEU B 166 -7.78 -6.47 1.96
C LEU B 166 -9.03 -5.92 2.68
N GLN B 167 -9.75 -6.77 3.43
N GLN B 167 -9.65 -6.79 3.47
CA GLN B 167 -10.83 -6.22 4.29
CA GLN B 167 -10.77 -6.39 4.31
C GLN B 167 -10.33 -5.06 5.12
C GLN B 167 -10.42 -5.21 5.24
N ASN B 168 -9.25 -5.26 5.84
CA ASN B 168 -8.77 -4.20 6.74
C ASN B 168 -8.47 -2.89 6.03
N LEU B 169 -7.94 -3.00 4.82
CA LEU B 169 -7.72 -1.80 4.01
C LEU B 169 -9.02 -1.10 3.57
N VAL B 170 -9.98 -1.89 3.16
CA VAL B 170 -11.28 -1.34 2.75
C VAL B 170 -11.94 -0.69 4.00
N ALA B 171 -11.86 -1.32 5.17
CA ALA B 171 -12.57 -0.77 6.34
C ALA B 171 -12.09 0.60 6.77
N LYS B 172 -10.84 0.91 6.47
CA LYS B 172 -10.30 2.23 6.80
C LYS B 172 -10.68 3.39 5.85
N THR B 173 -11.21 3.04 4.69
CA THR B 173 -11.59 4.07 3.70
C THR B 173 -12.80 4.84 4.20
N PRO B 174 -12.89 6.13 3.84
CA PRO B 174 -14.11 6.88 4.10
C PRO B 174 -15.28 6.32 3.29
N GLY B 175 -16.48 6.68 3.73
CA GLY B 175 -17.67 6.26 3.01
C GLY B 175 -18.13 4.86 3.37
N ASN B 176 -19.42 4.62 3.14
CA ASN B 176 -19.98 3.32 3.43
C ASN B 176 -19.79 2.41 2.25
N THR B 177 -18.53 2.03 2.07
CA THR B 177 -18.15 1.23 0.95
C THR B 177 -17.96 -0.24 1.34
N PHE B 178 -18.12 -1.14 0.36
CA PHE B 178 -18.04 -2.56 0.59
C PHE B 178 -17.75 -3.30 -0.71
N LEU B 179 -17.27 -4.55 -0.59
CA LEU B 179 -16.95 -5.40 -1.71
C LEU B 179 -17.69 -6.74 -1.68
N PHE B 180 -18.15 -7.16 -2.84
CA PHE B 180 -18.60 -8.52 -3.10
C PHE B 180 -17.61 -9.31 -3.91
N ASP B 181 -17.56 -10.63 -3.69
CA ASP B 181 -16.73 -11.49 -4.50
C ASP B 181 -17.42 -11.91 -5.78
N GLN B 182 -16.70 -12.68 -6.61
CA GLN B 182 -17.21 -13.09 -7.91
C GLN B 182 -18.54 -13.86 -7.82
N LYS B 183 -18.79 -14.47 -6.66
CA LYS B 183 -20.04 -15.20 -6.39
C LYS B 183 -21.16 -14.32 -5.86
N ASN B 184 -20.92 -13.00 -5.88
CA ASN B 184 -21.88 -12.00 -5.36
C ASN B 184 -22.15 -12.23 -3.88
N LYS B 185 -21.11 -12.64 -3.18
CA LYS B 185 -21.17 -12.76 -1.72
C LYS B 185 -20.35 -11.68 -1.03
N ILE B 186 -20.91 -11.11 0.02
CA ILE B 186 -20.21 -10.03 0.71
C ILE B 186 -18.83 -10.52 1.14
N PHE B 187 -17.85 -9.64 0.96
CA PHE B 187 -16.44 -9.96 1.06
C PHE B 187 -15.71 -9.01 2.00
N ALA B 188 -15.93 -7.71 1.86
CA ALA B 188 -15.33 -6.73 2.75
C ALA B 188 -16.25 -5.52 2.93
N ALA B 189 -16.11 -4.79 4.03
CA ALA B 189 -16.98 -3.67 4.35
C ALA B 189 -16.37 -2.68 5.35
N THR B 190 -16.62 -1.40 5.14
CA THR B 190 -16.40 -0.36 6.15
C THR B 190 -17.25 -0.51 7.41
N ASN B 191 -18.53 -0.76 7.21
CA ASN B 191 -19.39 -1.09 8.30
C ASN B 191 -19.35 -2.61 8.47
N LYS B 192 -18.56 -3.06 9.44
CA LYS B 192 -18.32 -4.49 9.61
C LYS B 192 -19.57 -5.30 9.92
N GLU B 193 -20.68 -4.64 10.27
CA GLU B 193 -21.95 -5.36 10.39
C GLU B 193 -22.34 -6.00 9.07
N LEU B 194 -22.10 -5.30 7.96
CA LEU B 194 -22.46 -5.79 6.61
C LEU B 194 -21.91 -7.16 6.28
N LEU B 195 -20.91 -7.62 7.04
CA LEU B 195 -20.34 -8.93 6.81
C LEU B 195 -21.13 -10.08 7.44
N ASN B 196 -22.00 -9.75 8.36
CA ASN B 196 -22.81 -10.77 8.95
C ASN B 196 -23.70 -11.40 7.87
N PRO B 197 -23.86 -12.74 7.89
CA PRO B 197 -24.66 -13.44 6.85
C PRO B 197 -26.16 -13.18 6.89
N SER B 198 -26.65 -12.61 8.00
CA SER B 198 -28.06 -12.30 8.10
C SER B 198 -28.44 -11.03 7.36
N ILE B 199 -27.44 -10.28 6.93
CA ILE B 199 -27.70 -9.09 6.15
C ILE B 199 -28.07 -9.51 4.73
N ASP B 200 -29.21 -9.03 4.27
CA ASP B 200 -29.71 -9.27 2.90
C ASP B 200 -29.13 -8.24 1.96
N HIS B 201 -28.18 -8.69 1.15
CA HIS B 201 -27.60 -7.86 0.09
C HIS B 201 -28.29 -7.99 -1.26
N SER B 202 -29.39 -8.75 -1.31
N SER B 202 -29.39 -8.74 -1.32
CA SER B 202 -30.07 -8.91 -2.59
CA SER B 202 -30.05 -8.91 -2.63
C SER B 202 -30.54 -7.57 -3.14
C SER B 202 -30.67 -7.63 -3.17
N PRO B 203 -31.15 -6.72 -2.29
CA PRO B 203 -31.70 -5.51 -2.89
C PRO B 203 -30.63 -4.63 -3.57
N VAL B 204 -29.47 -4.50 -2.94
CA VAL B 204 -28.43 -3.68 -3.57
C VAL B 204 -27.89 -4.35 -4.85
N LEU B 205 -27.66 -5.66 -4.81
CA LEU B 205 -27.17 -6.36 -5.99
C LEU B 205 -28.18 -6.37 -7.12
N ASN B 206 -29.47 -6.55 -6.79
CA ASN B 206 -30.51 -6.59 -7.80
C ASN B 206 -30.64 -5.23 -8.48
N ALA B 207 -30.49 -4.15 -7.71
CA ALA B 207 -30.53 -2.81 -8.29
C ALA B 207 -29.30 -2.52 -9.14
N TYR B 208 -28.14 -2.97 -8.70
CA TYR B 208 -26.95 -2.84 -9.49
C TYR B 208 -27.05 -3.56 -10.85
N LYS B 209 -27.70 -4.71 -10.89
CA LYS B 209 -27.88 -5.44 -12.15
C LYS B 209 -28.58 -4.58 -13.20
N LEU B 210 -29.47 -3.70 -12.76
CA LEU B 210 -30.21 -2.84 -13.70
C LEU B 210 -29.44 -1.60 -14.17
N ASN B 211 -28.27 -1.33 -13.60
CA ASN B 211 -27.66 -0.04 -13.75
C ASN B 211 -26.25 0.07 -14.30
N GLY B 212 -25.43 -0.92 -14.11
CA GLY B 212 -24.06 -0.58 -14.55
C GLY B 212 -23.21 0.46 -13.82
N ASP B 213 -21.93 0.45 -14.18
CA ASP B 213 -20.90 0.94 -13.27
C ASP B 213 -20.96 2.43 -12.99
N ASN B 214 -20.81 2.77 -11.71
N ASN B 214 -21.02 2.69 -11.68
CA ASN B 214 -20.82 4.16 -11.27
CA ASN B 214 -20.96 4.01 -11.10
C ASN B 214 -22.12 4.91 -11.53
C ASN B 214 -22.18 4.83 -11.26
N ASN B 215 -23.22 4.20 -11.78
CA ASN B 215 -24.51 4.86 -11.92
C ASN B 215 -25.32 4.70 -10.65
N PHE B 216 -25.78 5.81 -10.11
CA PHE B 216 -26.59 5.77 -8.89
C PHE B 216 -27.99 5.24 -9.08
N PHE B 217 -28.38 4.39 -8.15
CA PHE B 217 -29.69 3.77 -8.16
C PHE B 217 -30.36 3.83 -6.82
N SER B 218 -31.69 3.81 -6.81
CA SER B 218 -32.47 3.61 -5.58
C SER B 218 -32.74 2.15 -5.31
N TYR B 219 -32.79 1.80 -4.03
CA TYR B 219 -33.20 0.49 -3.58
C TYR B 219 -33.76 0.62 -2.17
N LYS B 220 -34.40 -0.45 -1.71
CA LYS B 220 -35.02 -0.48 -0.37
C LYS B 220 -34.55 -1.72 0.38
N LEU B 221 -34.18 -1.53 1.65
CA LEU B 221 -34.02 -2.65 2.55
C LEU B 221 -34.72 -2.38 3.91
N ASN B 222 -35.43 -3.38 4.43
CA ASN B 222 -36.19 -3.22 5.67
C ASN B 222 -36.97 -1.91 5.68
N ASN B 223 -37.60 -1.63 4.54
CA ASN B 223 -38.45 -0.44 4.40
C ASN B 223 -37.72 0.91 4.59
N GLU B 224 -36.40 0.90 4.39
CA GLU B 224 -35.61 2.10 4.31
C GLU B 224 -35.21 2.30 2.85
N GLU B 225 -35.52 3.48 2.32
CA GLU B 225 -35.01 3.92 1.02
C GLU B 225 -33.55 4.30 1.08
N ARG B 226 -32.78 3.80 0.12
CA ARG B 226 -31.35 4.01 0.03
C ARG B 226 -30.95 4.35 -1.40
N LEU B 227 -29.74 4.89 -1.51
CA LEU B 227 -29.13 5.25 -2.78
C LEU B 227 -27.79 4.56 -2.82
N GLY B 228 -27.48 3.93 -3.93
CA GLY B 228 -26.21 3.25 -4.07
C GLY B 228 -25.64 3.33 -5.45
N ALA B 229 -24.36 2.99 -5.55
CA ALA B 229 -23.71 2.78 -6.84
C ALA B 229 -22.69 1.67 -6.62
N CYS B 230 -22.42 0.91 -7.67
CA CYS B 230 -21.41 -0.15 -7.64
C CYS B 230 -20.64 -0.11 -8.94
N THR B 231 -19.46 -0.72 -8.89
CA THR B 231 -18.64 -0.91 -10.05
C THR B 231 -17.89 -2.23 -9.92
N LYS B 232 -17.50 -2.77 -11.06
CA LYS B 232 -16.67 -3.94 -11.11
C LYS B 232 -15.22 -3.49 -10.88
N VAL B 233 -14.49 -4.27 -10.12
CA VAL B 233 -13.05 -4.06 -9.96
C VAL B 233 -12.37 -5.42 -9.93
N PHE B 234 -11.78 -5.79 -11.07
CA PHE B 234 -11.47 -7.18 -11.34
C PHE B 234 -12.73 -8.05 -11.18
N ALA B 235 -12.66 -9.16 -10.48
CA ALA B 235 -13.86 -9.97 -10.29
C ALA B 235 -14.71 -9.53 -9.11
N TYR B 236 -14.27 -8.51 -8.37
CA TYR B 236 -15.07 -7.96 -7.29
C TYR B 236 -16.09 -6.98 -7.80
N THR B 237 -17.12 -6.78 -6.97
CA THR B 237 -18.04 -5.65 -7.08
C THR B 237 -17.86 -4.74 -5.86
N ALA B 238 -17.51 -3.47 -6.11
CA ALA B 238 -17.38 -2.47 -5.08
C ALA B 238 -18.62 -1.62 -5.10
N CYS B 239 -19.18 -1.35 -3.93
CA CYS B 239 -20.37 -0.51 -3.78
C CYS B 239 -20.18 0.55 -2.72
N ILE B 240 -20.97 1.61 -2.86
CA ILE B 240 -21.21 2.59 -1.79
C ILE B 240 -22.71 2.76 -1.71
N THR B 241 -23.22 2.88 -0.49
CA THR B 241 -24.64 3.17 -0.29
C THR B 241 -24.83 4.17 0.85
N GLU B 242 -25.95 4.86 0.81
CA GLU B 242 -26.34 5.76 1.89
C GLU B 242 -27.85 5.78 2.01
N SER B 243 -28.33 6.08 3.22
CA SER B 243 -29.76 6.34 3.45
C SER B 243 -30.27 7.51 2.59
N ALA B 244 -31.45 7.36 1.97
CA ALA B 244 -32.05 8.46 1.25
C ALA B 244 -32.23 9.69 2.12
N ASP B 245 -32.44 9.45 3.42
CA ASP B 245 -32.69 10.53 4.38
C ASP B 245 -31.37 11.13 4.87
N ILE B 246 -30.22 10.58 4.44
CA ILE B 246 -28.95 11.27 4.59
C ILE B 246 -28.58 12.02 3.31
N ILE B 247 -28.83 11.42 2.16
CA ILE B 247 -28.66 12.12 0.87
C ILE B 247 -29.50 13.40 0.82
N ASN B 248 -30.75 13.29 1.27
CA ASN B 248 -31.68 14.40 1.32
C ASN B 248 -32.25 14.42 2.72
N LYS B 249 -31.62 15.22 3.60
CA LYS B 249 -31.97 15.22 5.03
C LYS B 249 -33.31 15.94 5.19
N PRO B 250 -34.34 15.21 5.67
CA PRO B 250 -35.64 15.83 5.75
C PRO B 250 -35.73 16.92 6.83
N ILE B 251 -36.45 17.98 6.52
CA ILE B 251 -36.67 19.01 7.54
C ILE B 251 -37.45 18.41 8.71
N TYR B 252 -38.41 17.52 8.43
CA TYR B 252 -39.15 16.83 9.46
C TYR B 252 -38.90 15.34 9.36
N LYS B 253 -38.30 14.81 10.42
CA LYS B 253 -37.89 13.38 10.45
C LYS B 253 -39.11 12.49 10.53
N ALA B 254 -39.05 11.33 9.88
CA ALA B 254 -40.18 10.38 9.92
C ALA B 254 -40.50 9.91 11.34
N SKJ C . 21.46 7.38 0.11
CA SKJ C . 22.59 7.10 0.99
C SKJ C . 23.42 8.37 1.01
O SKJ C . 23.33 9.23 0.10
CB SKJ C . 23.38 5.84 0.57
CG1 SKJ C . 24.35 5.30 1.64
CG2 SKJ C . 24.06 6.05 -0.76
OXT SKJ C . 24.25 8.52 1.95
CAA SKJ C . 25.10 4.97 -2.79
CAB SKJ C . 24.45 4.71 -1.42
S SO4 D . 19.23 -5.48 -10.18
O1 SO4 D . 18.29 -4.40 -9.76
O2 SO4 D . 20.52 -4.92 -10.72
O3 SO4 D . 19.56 -6.24 -8.95
O4 SO4 D . 18.64 -6.36 -11.21
CL CL E . 7.78 8.32 4.78
CL CL F . 7.10 8.76 11.97
C1 GOL G . -10.94 25.62 -8.50
O1 GOL G . -11.78 25.75 -9.65
C2 GOL G . -11.11 24.21 -7.91
O2 GOL G . -9.98 23.84 -7.02
C3 GOL G . -12.48 24.23 -7.19
O3 GOL G . -13.48 23.39 -7.76
NA NA H . 1.31 0.62 1.51
NA NA I . 10.24 17.24 5.14
N SKJ J . -2.69 -21.99 0.18
CA SKJ J . -2.13 -23.10 -0.59
C SKJ J . -3.20 -24.20 -0.61
O SKJ J . -3.13 -25.07 -1.50
CB SKJ J . -0.77 -23.52 0.03
CG1 SKJ J . 0.00 -24.55 -0.78
CG2 SKJ J . -0.96 -23.99 1.47
OXT SKJ J . -4.08 -24.24 0.30
CAA SKJ J . 0.15 -24.40 3.72
CAB SKJ J . 0.34 -23.92 2.27
S SO4 K . 8.78 -16.46 11.36
O1 SO4 K . 9.42 -15.48 12.29
O2 SO4 K . 9.65 -16.81 10.24
O3 SO4 K . 8.47 -17.71 12.14
O4 SO4 K . 7.49 -15.91 10.81
CL CL L . -25.13 -0.08 5.14
CL CL M . 10.08 -20.27 6.79
CL CL N . -3.78 -7.01 -14.30
#